data_3H0N
#
_entry.id   3H0N
#
_cell.length_a   77.750
_cell.length_b   59.670
_cell.length_c   57.820
_cell.angle_alpha   90.000
_cell.angle_beta   128.790
_cell.angle_gamma   90.000
#
_symmetry.space_group_name_H-M   'C 1 2 1'
#
loop_
_entity.id
_entity.type
_entity.pdbx_description
1 polymer 'uncharacterized protein DUF1470'
2 non-polymer 'ZINC ION'
3 non-polymer 'NICKEL (II) ION'
4 non-polymer 'SODIUM ION'
5 non-polymer GLYCEROL
6 non-polymer 'ACETATE ION'
7 water water
#
_entity_poly.entity_id   1
_entity_poly.type   'polypeptide(L)'
_entity_poly.pdbx_seq_one_letter_code
;G(MSE)NLDSYERTGLRVSLDLVNIATPGSRRGTPHTGGCVIEDLHDLLKDDPASVAQLGDDHVEGFVELARLLHTAIDA
LSNGQVATAATALNHLLRKHPATPELAQDPDGTWRLHHHPLDAELVP(MSE)WTAICAEGLAREIGHQNVRRFGICNAHR
CDRVYFDTSRNGTRQYCSLACQNRVKAAAFRERRAT
;
_entity_poly.pdbx_strand_id   A
#
loop_
_chem_comp.id
_chem_comp.type
_chem_comp.name
_chem_comp.formula
ACT non-polymer 'ACETATE ION' 'C2 H3 O2 -1'
GOL non-polymer GLYCEROL 'C3 H8 O3'
NA non-polymer 'SODIUM ION' 'Na 1'
NI non-polymer 'NICKEL (II) ION' 'Ni 2'
ZN non-polymer 'ZINC ION' 'Zn 2'
#
# COMPACT_ATOMS: atom_id res chain seq x y z
N MSE A 2 15.49 -2.91 -5.01
CA MSE A 2 14.37 -1.93 -4.87
C MSE A 2 14.41 -1.00 -3.64
O MSE A 2 14.65 -1.47 -2.51
CB MSE A 2 13.04 -2.70 -4.81
CG MSE A 2 11.92 -1.86 -4.24
SE MSE A 2 10.18 -2.63 -4.15
CE MSE A 2 10.20 -3.68 -5.86
N ASN A 3 14.10 0.28 -3.85
CA ASN A 3 13.91 1.25 -2.78
C ASN A 3 12.45 1.56 -2.63
N LEU A 4 11.88 0.91 -1.64
CA LEU A 4 10.51 1.05 -1.31
C LEU A 4 10.07 2.49 -0.95
N ASP A 5 11.04 3.36 -0.55
CA ASP A 5 10.76 4.77 -0.22
C ASP A 5 10.86 5.73 -1.41
N SER A 6 11.26 5.22 -2.56
CA SER A 6 11.44 6.05 -3.72
C SER A 6 10.09 6.48 -4.27
N TYR A 7 10.15 7.55 -5.03
CA TYR A 7 8.97 8.00 -5.75
C TYR A 7 8.39 6.87 -6.57
N GLU A 8 9.25 6.13 -7.24
CA GLU A 8 8.86 5.08 -8.17
C GLU A 8 8.07 3.95 -7.53
N ARG A 9 8.25 3.75 -6.23
CA ARG A 9 7.51 2.71 -5.50
C ARG A 9 6.43 3.30 -4.59
N THR A 10 5.99 4.51 -4.85
CA THR A 10 4.91 5.14 -4.07
C THR A 10 3.65 4.27 -3.97
N GLY A 11 3.17 3.76 -5.09
CA GLY A 11 1.93 2.99 -5.06
C GLY A 11 2.06 1.75 -4.24
N LEU A 12 3.17 1.06 -4.40
CA LEU A 12 3.43 -0.14 -3.58
C LEU A 12 3.51 0.20 -2.11
N ARG A 13 4.26 1.24 -1.77
CA ARG A 13 4.48 1.62 -0.39
C ARG A 13 3.20 2.07 0.28
N VAL A 14 2.45 2.93 -0.38
CA VAL A 14 1.22 3.44 0.18
C VAL A 14 0.21 2.30 0.31
N SER A 15 0.18 1.37 -0.65
CA SER A 15 -0.75 0.23 -0.58
C SER A 15 -0.50 -0.59 0.70
N LEU A 16 0.76 -0.91 0.93
CA LEU A 16 1.15 -1.69 2.13
C LEU A 16 0.80 -0.95 3.39
N ASP A 17 1.18 0.31 3.45
CA ASP A 17 0.95 1.13 4.63
C ASP A 17 -0.56 1.32 4.93
N LEU A 18 -1.33 1.52 3.88
CA LEU A 18 -2.78 1.76 4.02
C LEU A 18 -3.44 0.49 4.51
N VAL A 19 -3.11 -0.63 3.91
CA VAL A 19 -3.67 -1.92 4.38
C VAL A 19 -3.29 -2.15 5.82
N ASN A 20 -2.04 -1.85 6.20
CA ASN A 20 -1.58 -2.16 7.55
C ASN A 20 -2.22 -1.25 8.59
N ILE A 21 -2.58 -0.02 8.21
CA ILE A 21 -3.32 0.85 9.09
C ILE A 21 -4.78 0.36 9.24
N ALA A 22 -5.46 0.16 8.13
CA ALA A 22 -6.89 0.12 8.15
C ALA A 22 -7.47 -1.27 8.30
N THR A 23 -6.73 -2.32 7.92
CA THR A 23 -7.34 -3.66 7.86
C THR A 23 -7.39 -4.25 9.27
N PRO A 24 -8.57 -4.63 9.77
CA PRO A 24 -8.64 -5.27 11.09
C PRO A 24 -7.88 -6.58 11.10
N GLY A 25 -7.36 -6.99 12.25
CA GLY A 25 -6.69 -8.27 12.35
C GLY A 25 -5.87 -8.23 13.63
N SER A 26 -4.59 -8.43 13.46
CA SER A 26 -3.64 -8.26 14.56
C SER A 26 -2.37 -7.60 14.03
N ARG A 27 -1.68 -6.92 14.94
CA ARG A 27 -0.48 -6.16 14.60
C ARG A 27 0.54 -6.31 15.72
N ARG A 28 1.69 -6.91 15.40
CA ARG A 28 2.80 -6.97 16.35
C ARG A 28 2.41 -7.60 17.68
N GLY A 29 1.57 -8.63 17.63
CA GLY A 29 1.22 -9.44 18.77
C GLY A 29 -0.07 -9.07 19.48
N THR A 30 -0.73 -8.02 19.01
CA THR A 30 -1.92 -7.43 19.64
C THR A 30 -3.08 -7.35 18.63
N PRO A 31 -4.31 -7.68 19.04
CA PRO A 31 -5.46 -7.42 18.16
C PRO A 31 -5.49 -5.99 17.69
N HIS A 32 -5.81 -5.85 16.40
CA HIS A 32 -5.81 -4.57 15.71
C HIS A 32 -7.21 -4.23 15.19
N THR A 33 -7.78 -3.14 15.65
CA THR A 33 -9.14 -2.79 15.28
C THR A 33 -9.26 -2.38 13.82
N GLY A 34 -8.25 -1.68 13.31
CA GLY A 34 -8.33 -1.11 11.98
C GLY A 34 -9.22 0.12 11.90
N GLY A 35 -9.63 0.41 10.66
CA GLY A 35 -10.23 1.70 10.32
C GLY A 35 -9.13 2.70 10.24
N CYS A 36 -9.51 3.97 10.02
CA CYS A 36 -8.57 5.06 10.11
C CYS A 36 -9.25 6.36 10.43
N VAL A 37 -8.41 7.31 10.80
CA VAL A 37 -8.82 8.69 11.03
C VAL A 37 -7.99 9.60 10.12
N ILE A 38 -8.42 10.85 10.01
CA ILE A 38 -7.75 11.74 9.07
CA ILE A 38 -7.77 11.79 9.12
C ILE A 38 -6.26 11.92 9.40
N GLU A 39 -5.87 11.85 10.66
CA GLU A 39 -4.45 11.93 11.01
C GLU A 39 -3.60 10.82 10.36
N ASP A 40 -4.18 9.62 10.24
CA ASP A 40 -3.51 8.50 9.59
C ASP A 40 -3.28 8.82 8.13
N LEU A 41 -4.25 9.51 7.51
CA LEU A 41 -4.09 9.90 6.11
C LEU A 41 -3.05 10.99 5.91
N HIS A 42 -2.97 11.96 6.82
CA HIS A 42 -1.93 12.97 6.71
C HIS A 42 -0.52 12.34 6.73
N ASP A 43 -0.33 11.33 7.54
N ASP A 43 -0.35 11.34 7.58
CA ASP A 43 0.97 10.70 7.61
CA ASP A 43 0.91 10.60 7.69
C ASP A 43 1.18 9.72 6.44
C ASP A 43 1.13 9.78 6.43
N LEU A 44 0.12 8.99 6.06
CA LEU A 44 0.17 8.11 4.91
C LEU A 44 0.62 8.78 3.62
N LEU A 45 0.05 9.97 3.38
CA LEU A 45 0.23 10.68 2.12
C LEU A 45 1.21 11.85 2.23
N LYS A 46 2.05 11.87 3.27
CA LYS A 46 2.96 13.01 3.54
C LYS A 46 3.90 13.34 2.38
N ASP A 47 4.21 12.37 1.52
CA ASP A 47 5.17 12.68 0.43
C ASP A 47 4.54 13.54 -0.65
N ASP A 48 3.21 13.73 -0.59
CA ASP A 48 2.48 14.56 -1.53
C ASP A 48 1.80 15.73 -0.84
N PRO A 49 2.47 16.88 -0.79
CA PRO A 49 1.88 18.03 -0.12
C PRO A 49 0.54 18.46 -0.70
N ALA A 50 0.32 18.25 -2.00
CA ALA A 50 -0.95 18.62 -2.60
C ALA A 50 -2.14 17.80 -2.05
N SER A 51 -1.94 16.51 -1.92
CA SER A 51 -2.92 15.65 -1.27
C SER A 51 -3.18 16.09 0.16
N VAL A 52 -2.11 16.31 0.93
CA VAL A 52 -2.27 16.69 2.32
C VAL A 52 -3.05 18.01 2.46
N ALA A 53 -2.80 18.97 1.57
CA ALA A 53 -3.53 20.21 1.55
C ALA A 53 -5.01 20.10 1.25
N GLN A 54 -5.43 19.01 0.64
CA GLN A 54 -6.80 18.79 0.24
C GLN A 54 -7.55 17.71 1.02
N LEU A 55 -6.89 17.09 2.01
CA LEU A 55 -7.53 16.04 2.77
C LEU A 55 -8.65 16.60 3.68
N GLY A 56 -9.73 15.84 3.77
CA GLY A 56 -10.80 16.10 4.71
C GLY A 56 -11.35 14.79 5.28
N ASP A 57 -12.22 14.92 6.29
CA ASP A 57 -12.80 13.73 6.94
C ASP A 57 -13.63 12.93 5.94
N ASP A 58 -14.12 13.57 4.89
CA ASP A 58 -14.88 12.85 3.84
C ASP A 58 -14.05 11.80 3.09
N HIS A 59 -12.73 11.89 3.16
CA HIS A 59 -11.88 10.93 2.49
C HIS A 59 -11.66 9.67 3.27
N VAL A 60 -11.96 9.67 4.57
CA VAL A 60 -11.68 8.50 5.39
C VAL A 60 -12.43 7.27 4.86
N GLU A 61 -13.73 7.39 4.56
CA GLU A 61 -14.52 6.23 4.07
C GLU A 61 -13.94 5.69 2.78
N GLY A 62 -13.50 6.57 1.89
CA GLY A 62 -12.92 6.13 0.64
C GLY A 62 -11.62 5.37 0.83
N PHE A 63 -10.77 5.85 1.74
CA PHE A 63 -9.54 5.13 2.03
C PHE A 63 -9.77 3.80 2.76
N VAL A 64 -10.76 3.74 3.63
CA VAL A 64 -11.11 2.45 4.26
C VAL A 64 -11.54 1.43 3.20
N GLU A 65 -12.37 1.87 2.23
CA GLU A 65 -12.78 0.99 1.16
C GLU A 65 -11.63 0.59 0.25
N LEU A 66 -10.76 1.55 -0.06
CA LEU A 66 -9.56 1.24 -0.86
C LEU A 66 -8.71 0.19 -0.14
N ALA A 67 -8.52 0.37 1.17
CA ALA A 67 -7.76 -0.59 1.98
C ALA A 67 -8.33 -2.00 1.86
N ARG A 68 -9.64 -2.13 1.89
CA ARG A 68 -10.28 -3.43 1.82
CA ARG A 68 -10.30 -3.43 1.83
C ARG A 68 -9.95 -4.10 0.49
N LEU A 69 -10.07 -3.34 -0.60
CA LEU A 69 -9.76 -3.85 -1.94
C LEU A 69 -8.29 -4.22 -2.08
N LEU A 70 -7.40 -3.36 -1.59
CA LEU A 70 -5.96 -3.65 -1.73
C LEU A 70 -5.60 -4.83 -0.85
N HIS A 71 -6.22 -4.94 0.33
CA HIS A 71 -5.93 -6.09 1.21
C HIS A 71 -6.31 -7.41 0.54
N THR A 72 -7.47 -7.43 -0.10
CA THR A 72 -7.91 -8.64 -0.84
C THR A 72 -6.89 -8.99 -1.92
N ALA A 73 -6.40 -7.99 -2.65
CA ALA A 73 -5.42 -8.24 -3.69
C ALA A 73 -4.12 -8.75 -3.14
N ILE A 74 -3.61 -8.10 -2.10
CA ILE A 74 -2.33 -8.48 -1.51
C ILE A 74 -2.41 -9.88 -0.88
N ASP A 75 -3.50 -10.16 -0.19
N ASP A 75 -3.50 -10.18 -0.18
CA ASP A 75 -3.68 -11.51 0.35
CA ASP A 75 -3.69 -11.55 0.31
C ASP A 75 -3.72 -12.54 -0.80
C ASP A 75 -3.69 -12.54 -0.83
N ALA A 76 -4.40 -12.22 -1.90
CA ALA A 76 -4.42 -13.11 -3.07
C ALA A 76 -3.01 -13.34 -3.58
N LEU A 77 -2.24 -12.25 -3.70
CA LEU A 77 -0.85 -12.41 -4.19
C LEU A 77 -0.03 -13.34 -3.26
N SER A 78 -0.21 -13.17 -1.94
CA SER A 78 0.53 -13.99 -0.95
C SER A 78 0.18 -15.49 -1.10
N ASN A 79 -0.99 -15.78 -1.67
CA ASN A 79 -1.44 -17.14 -1.92
C ASN A 79 -1.19 -17.62 -3.38
N GLY A 80 -0.52 -16.80 -4.19
CA GLY A 80 -0.32 -17.15 -5.58
C GLY A 80 -1.55 -17.06 -6.45
N GLN A 81 -2.62 -16.44 -5.94
CA GLN A 81 -3.87 -16.32 -6.65
C GLN A 81 -3.83 -15.05 -7.50
N VAL A 82 -2.95 -15.09 -8.49
CA VAL A 82 -2.67 -13.90 -9.29
C VAL A 82 -3.84 -13.46 -10.14
N ALA A 83 -4.58 -14.40 -10.71
CA ALA A 83 -5.74 -14.03 -11.51
C ALA A 83 -6.79 -13.24 -10.71
N THR A 84 -7.01 -13.62 -9.45
CA THR A 84 -7.95 -12.95 -8.58
C THR A 84 -7.48 -11.50 -8.37
N ALA A 85 -6.21 -11.35 -8.07
CA ALA A 85 -5.65 -10.00 -7.87
C ALA A 85 -5.71 -9.16 -9.14
N ALA A 86 -5.36 -9.77 -10.26
CA ALA A 86 -5.35 -9.08 -11.54
C ALA A 86 -6.72 -8.59 -11.93
N THR A 87 -7.75 -9.42 -11.76
CA THR A 87 -9.12 -9.03 -12.11
C THR A 87 -9.52 -7.79 -11.34
N ALA A 88 -9.22 -7.80 -10.05
CA ALA A 88 -9.58 -6.66 -9.19
C ALA A 88 -8.78 -5.42 -9.54
N LEU A 89 -7.48 -5.57 -9.75
CA LEU A 89 -6.66 -4.40 -10.08
C LEU A 89 -7.04 -3.80 -11.44
N ASN A 90 -7.34 -4.65 -12.41
CA ASN A 90 -7.75 -4.18 -13.75
C ASN A 90 -9.03 -3.38 -13.67
N HIS A 91 -9.94 -3.79 -12.82
N HIS A 91 -9.95 -3.83 -12.83
CA HIS A 91 -11.17 -3.07 -12.68
CA HIS A 91 -11.21 -3.12 -12.60
C HIS A 91 -10.96 -1.70 -12.04
C HIS A 91 -10.94 -1.73 -12.06
N LEU A 92 -10.06 -1.62 -11.06
CA LEU A 92 -9.72 -0.32 -10.46
C LEU A 92 -9.08 0.64 -11.47
N LEU A 93 -8.22 0.10 -12.32
CA LEU A 93 -7.53 0.90 -13.34
C LEU A 93 -8.52 1.41 -14.40
N ARG A 94 -9.53 0.61 -14.71
CA ARG A 94 -10.61 1.05 -15.61
C ARG A 94 -11.52 2.10 -14.92
N LYS A 95 -11.90 1.82 -13.69
CA LYS A 95 -12.86 2.69 -12.97
C LYS A 95 -12.35 4.07 -12.69
N HIS A 96 -11.05 4.19 -12.40
CA HIS A 96 -10.44 5.42 -11.92
C HIS A 96 -9.44 5.97 -12.95
N PRO A 97 -9.12 7.28 -12.87
CA PRO A 97 -8.25 7.90 -13.87
C PRO A 97 -6.81 7.46 -13.73
N ALA A 98 -6.37 6.63 -14.70
CA ALA A 98 -5.05 6.04 -14.65
C ALA A 98 -4.15 6.44 -15.83
N THR A 99 -4.58 7.43 -16.63
CA THR A 99 -3.75 7.95 -17.69
C THR A 99 -2.53 8.60 -17.04
N PRO A 100 -1.32 8.20 -17.45
CA PRO A 100 -0.14 8.87 -16.90
C PRO A 100 0.09 10.28 -17.43
N GLU A 101 0.81 11.06 -16.65
CA GLU A 101 1.10 12.46 -17.00
C GLU A 101 2.43 12.85 -16.37
N LEU A 102 3.30 13.45 -17.19
CA LEU A 102 4.54 14.06 -16.72
C LEU A 102 4.29 15.42 -16.12
N ALA A 103 4.98 15.71 -15.02
CA ALA A 103 4.94 17.06 -14.45
C ALA A 103 6.21 17.33 -13.69
N GLN A 104 6.53 18.59 -13.49
N GLN A 104 6.59 18.61 -13.58
CA GLN A 104 7.76 18.97 -12.82
CA GLN A 104 7.73 19.02 -12.72
C GLN A 104 7.47 19.39 -11.38
C GLN A 104 7.32 19.25 -11.28
N ASP A 105 8.12 18.72 -10.39
CA ASP A 105 8.02 19.05 -8.97
C ASP A 105 8.52 20.48 -8.80
N PRO A 106 8.12 21.14 -7.69
CA PRO A 106 8.63 22.50 -7.47
C PRO A 106 10.15 22.64 -7.46
N ASP A 107 10.87 21.56 -7.11
CA ASP A 107 12.33 21.59 -7.19
C ASP A 107 12.92 21.39 -8.59
N GLY A 108 12.05 21.19 -9.60
CA GLY A 108 12.47 21.04 -10.97
C GLY A 108 12.52 19.61 -11.47
N THR A 109 12.37 18.65 -10.56
CA THR A 109 12.47 17.23 -10.92
C THR A 109 11.22 16.77 -11.71
N TRP A 110 11.44 16.23 -12.90
CA TRP A 110 10.35 15.66 -13.69
C TRP A 110 9.96 14.30 -13.13
N ARG A 111 8.66 14.06 -13.04
CA ARG A 111 8.08 12.82 -12.52
C ARG A 111 7.01 12.34 -13.45
N LEU A 112 6.90 11.02 -13.60
CA LEU A 112 5.75 10.41 -14.27
C LEU A 112 4.70 10.07 -13.22
N HIS A 113 3.55 10.74 -13.27
CA HIS A 113 2.43 10.47 -12.38
C HIS A 113 1.54 9.46 -13.02
N HIS A 114 1.05 8.50 -12.25
CA HIS A 114 0.20 7.41 -12.76
C HIS A 114 -1.27 7.74 -12.61
N HIS A 115 -1.57 8.96 -13.03
CA HIS A 115 -2.91 9.55 -13.01
C HIS A 115 -2.77 10.92 -13.67
N PRO A 116 -3.89 11.47 -14.19
CA PRO A 116 -3.89 12.86 -14.64
C PRO A 116 -3.85 13.81 -13.46
N LEU A 117 -3.25 14.99 -13.59
N LEU A 117 -3.22 14.97 -13.64
CA LEU A 117 -3.18 15.90 -12.44
CA LEU A 117 -3.07 15.95 -12.58
C LEU A 117 -4.57 16.45 -12.04
C LEU A 117 -4.39 16.58 -12.18
N ASP A 118 -5.54 16.42 -12.94
N ASP A 118 -5.47 16.25 -12.89
CA ASP A 118 -6.89 16.78 -12.52
CA ASP A 118 -6.82 16.75 -12.55
C ASP A 118 -7.75 15.70 -11.80
C ASP A 118 -7.67 15.78 -11.67
N ALA A 119 -7.14 14.61 -11.35
CA ALA A 119 -7.88 13.61 -10.63
C ALA A 119 -8.38 14.06 -9.24
N GLU A 120 -9.52 13.52 -8.85
N GLU A 120 -9.45 13.44 -8.73
CA GLU A 120 -10.03 13.61 -7.51
CA GLU A 120 -9.90 13.66 -7.33
C GLU A 120 -9.16 12.72 -6.61
C GLU A 120 -9.15 12.72 -6.34
N LEU A 121 -9.23 12.97 -5.31
N LEU A 121 -9.03 13.12 -5.07
CA LEU A 121 -8.22 12.50 -4.36
CA LEU A 121 -8.08 12.46 -4.18
C LEU A 121 -8.25 10.98 -4.12
C LEU A 121 -8.23 10.93 -4.12
N VAL A 122 -9.40 10.43 -3.77
CA VAL A 122 -9.52 8.99 -3.60
C VAL A 122 -9.37 8.24 -4.94
N PRO A 123 -9.97 8.72 -6.03
CA PRO A 123 -9.67 8.09 -7.32
C PRO A 123 -8.20 8.13 -7.72
N MSE A 124 -7.51 9.24 -7.44
N MSE A 124 -7.53 9.23 -7.43
CA MSE A 124 -6.07 9.33 -7.74
CA MSE A 124 -6.12 9.33 -7.73
C MSE A 124 -5.28 8.26 -6.99
C MSE A 124 -5.33 8.24 -7.00
O MSE A 124 -4.46 7.56 -7.59
O MSE A 124 -4.57 7.49 -7.63
CB MSE A 124 -5.51 10.73 -7.37
CB MSE A 124 -5.55 10.70 -7.34
CG MSE A 124 -3.99 10.77 -7.19
CG MSE A 124 -4.17 10.86 -7.84
SE MSE A 124 -3.51 12.53 -6.45
SE MSE A 124 -3.34 12.53 -7.31
CE MSE A 124 -1.65 12.29 -6.06
CE MSE A 124 -3.25 12.15 -5.37
N TRP A 125 -5.50 8.18 -5.68
CA TRP A 125 -4.75 7.21 -4.86
C TRP A 125 -5.14 5.78 -5.19
N THR A 126 -6.37 5.53 -5.59
CA THR A 126 -6.77 4.22 -6.08
C THR A 126 -5.98 3.85 -7.30
N ALA A 127 -5.85 4.75 -8.27
CA ALA A 127 -5.07 4.47 -9.47
C ALA A 127 -3.60 4.27 -9.19
N ILE A 128 -3.04 5.10 -8.31
CA ILE A 128 -1.62 5.00 -7.98
C ILE A 128 -1.34 3.65 -7.33
N CYS A 129 -2.16 3.32 -6.37
CA CYS A 129 -1.97 2.06 -5.63
C CYS A 129 -2.17 0.86 -6.53
N ALA A 130 -3.20 0.89 -7.35
CA ALA A 130 -3.48 -0.23 -8.25
C ALA A 130 -2.35 -0.46 -9.24
N GLU A 131 -1.88 0.64 -9.86
CA GLU A 131 -0.75 0.50 -10.81
C GLU A 131 0.50 -0.03 -10.09
N GLY A 132 0.72 0.42 -8.86
CA GLY A 132 1.93 -0.01 -8.14
C GLY A 132 1.93 -1.50 -7.86
N LEU A 133 0.78 -2.01 -7.44
CA LEU A 133 0.66 -3.46 -7.25
C LEU A 133 0.73 -4.21 -8.57
N ALA A 134 0.03 -3.71 -9.57
CA ALA A 134 0.04 -4.32 -10.91
C ALA A 134 1.46 -4.42 -11.47
N ARG A 135 2.23 -3.38 -11.28
CA ARG A 135 3.60 -3.34 -11.79
C ARG A 135 4.45 -4.44 -11.20
N GLU A 136 4.28 -4.69 -9.90
CA GLU A 136 5.05 -5.74 -9.27
C GLU A 136 4.66 -7.15 -9.74
N ILE A 137 3.37 -7.34 -10.11
CA ILE A 137 2.95 -8.58 -10.71
C ILE A 137 3.65 -8.71 -12.09
N GLY A 138 3.66 -7.64 -12.87
CA GLY A 138 4.35 -7.67 -14.15
C GLY A 138 5.82 -7.92 -14.03
N HIS A 139 6.42 -7.44 -12.95
CA HIS A 139 7.85 -7.63 -12.70
C HIS A 139 8.20 -8.97 -12.05
N GLN A 140 7.22 -9.87 -11.96
CA GLN A 140 7.42 -11.23 -11.53
C GLN A 140 7.82 -11.30 -10.06
N ASN A 141 7.27 -10.38 -9.26
CA ASN A 141 7.58 -10.27 -7.83
C ASN A 141 6.45 -10.74 -6.91
N VAL A 142 5.52 -11.54 -7.42
CA VAL A 142 4.36 -11.95 -6.61
C VAL A 142 4.80 -12.66 -5.32
N ARG A 143 5.82 -13.50 -5.40
CA ARG A 143 6.24 -14.30 -4.24
C ARG A 143 6.82 -13.44 -3.11
N ARG A 144 7.08 -12.16 -3.37
CA ARG A 144 7.58 -11.26 -2.34
C ARG A 144 6.48 -10.60 -1.48
N PHE A 145 5.21 -10.82 -1.79
CA PHE A 145 4.12 -10.37 -0.97
C PHE A 145 3.85 -11.38 0.14
N GLY A 146 3.97 -10.98 1.39
CA GLY A 146 3.86 -11.91 2.51
C GLY A 146 2.91 -11.39 3.58
N ILE A 147 2.51 -12.35 4.43
CA ILE A 147 1.74 -12.07 5.65
C ILE A 147 2.64 -12.46 6.82
N CYS A 148 2.80 -11.57 7.79
CA CYS A 148 3.74 -11.76 8.90
C CYS A 148 3.60 -13.14 9.55
N ASN A 149 4.73 -13.76 9.78
CA ASN A 149 4.76 -15.07 10.45
C ASN A 149 4.69 -14.99 11.96
N ALA A 150 4.74 -13.81 12.55
CA ALA A 150 4.75 -13.72 14.00
C ALA A 150 3.37 -14.06 14.56
N HIS A 151 3.36 -14.49 15.81
CA HIS A 151 2.12 -14.76 16.52
C HIS A 151 1.30 -13.51 16.67
N ARG A 152 0.00 -13.62 16.37
CA ARG A 152 -0.90 -12.48 16.42
C ARG A 152 -0.33 -11.25 15.68
N CYS A 153 0.14 -11.53 14.47
CA CYS A 153 0.37 -10.44 13.52
C CYS A 153 -0.02 -10.91 12.16
N ASP A 154 -0.99 -10.26 11.53
CA ASP A 154 -1.30 -10.53 10.11
C ASP A 154 -1.09 -9.33 9.22
N ARG A 155 -0.18 -8.49 9.61
CA ARG A 155 0.21 -7.38 8.75
C ARG A 155 0.92 -7.92 7.51
N VAL A 156 0.79 -7.15 6.45
CA VAL A 156 1.37 -7.51 5.14
C VAL A 156 2.74 -6.83 4.97
N TYR A 157 3.52 -7.43 4.06
CA TYR A 157 4.81 -6.84 3.72
C TYR A 157 5.20 -7.24 2.33
N PHE A 158 6.10 -6.44 1.76
CA PHE A 158 6.73 -6.78 0.49
C PHE A 158 8.21 -6.96 0.78
N ASP A 159 8.70 -8.16 0.53
CA ASP A 159 10.09 -8.55 0.83
C ASP A 159 11.05 -7.88 -0.15
N THR A 160 11.89 -7.00 0.40
CA THR A 160 12.85 -6.24 -0.40
C THR A 160 14.26 -6.85 -0.31
N SER A 161 14.40 -7.99 0.36
CA SER A 161 15.73 -8.64 0.54
C SER A 161 16.22 -9.28 -0.75
N ARG A 162 17.54 -9.36 -0.95
CA ARG A 162 18.06 -10.01 -2.17
C ARG A 162 17.61 -11.45 -2.24
N ASN A 163 17.62 -12.16 -1.11
CA ASN A 163 17.38 -13.60 -1.09
C ASN A 163 15.89 -13.96 -1.13
N GLY A 164 14.99 -13.01 -0.79
CA GLY A 164 13.57 -13.28 -0.83
C GLY A 164 13.05 -14.27 0.18
N THR A 165 13.67 -14.28 1.34
CA THR A 165 13.28 -15.19 2.42
C THR A 165 12.84 -14.47 3.71
N ARG A 166 12.47 -13.19 3.63
CA ARG A 166 11.95 -12.47 4.80
C ARG A 166 10.59 -13.04 5.23
N GLN A 167 10.43 -13.19 6.54
CA GLN A 167 9.30 -13.90 7.16
C GLN A 167 8.37 -12.97 7.94
N TYR A 168 8.87 -11.80 8.34
CA TYR A 168 8.22 -10.92 9.29
C TYR A 168 8.03 -9.55 8.71
N CYS A 169 6.97 -8.89 9.15
CA CYS A 169 6.53 -7.62 8.57
C CYS A 169 7.39 -6.44 8.93
N SER A 170 8.23 -6.61 9.96
CA SER A 170 8.87 -5.49 10.62
C SER A 170 10.00 -5.93 11.47
N LEU A 171 10.87 -4.97 11.77
CA LEU A 171 11.91 -5.22 12.75
C LEU A 171 11.30 -5.53 14.11
N ALA A 172 10.15 -4.93 14.42
CA ALA A 172 9.48 -5.16 15.65
C ALA A 172 9.16 -6.65 15.83
N CYS A 173 8.54 -7.26 14.81
CA CYS A 173 8.20 -8.66 14.89
C CYS A 173 9.44 -9.55 14.81
N GLN A 174 10.41 -9.19 13.99
CA GLN A 174 11.69 -9.87 13.97
C GLN A 174 12.29 -9.93 15.40
N ASN A 175 12.28 -8.80 16.09
CA ASN A 175 12.86 -8.69 17.46
C ASN A 175 12.06 -9.46 18.48
N ARG A 176 10.74 -9.42 18.38
CA ARG A 176 9.88 -10.16 19.32
C ARG A 176 10.12 -11.66 19.23
N VAL A 177 10.26 -12.16 18.02
CA VAL A 177 10.59 -13.57 17.78
C VAL A 177 11.94 -13.93 18.33
N LYS A 178 12.93 -13.09 18.07
CA LYS A 178 14.30 -13.32 18.57
C LYS A 178 14.29 -13.40 20.10
N ALA A 179 13.57 -12.44 20.72
CA ALA A 179 13.51 -12.31 22.19
C ALA A 179 12.76 -13.49 22.84
N ALA A 180 11.97 -14.24 22.07
CA ALA A 180 11.24 -15.41 22.61
C ALA A 180 11.99 -16.74 22.37
N ALA A 181 13.06 -16.69 21.57
CA ALA A 181 13.72 -17.93 21.09
C ALA A 181 14.25 -18.78 22.25
N PHE A 182 14.93 -18.15 23.21
CA PHE A 182 15.52 -18.94 24.29
C PHE A 182 14.45 -19.66 25.11
N ARG A 183 13.46 -18.90 25.59
CA ARG A 183 12.44 -19.42 26.50
C ARG A 183 11.58 -20.48 25.81
N GLU A 184 11.35 -20.30 24.50
CA GLU A 184 10.58 -21.27 23.71
C GLU A 184 11.38 -22.48 23.22
N ARG A 185 12.65 -22.59 23.62
CA ARG A 185 13.53 -23.62 23.08
C ARG A 185 13.08 -24.99 23.55
ZN ZN B . 4.36 -8.62 12.13
NI NI C . 1.03 12.52 -8.64
NI NI C . 1.22 11.25 -8.61
NA NA D . 1.15 -14.09 11.81
NA NA E . -9.57 4.43 -15.91
C1 GOL F . 14.51 9.27 -9.77
O1 GOL F . 14.39 8.04 -10.47
C2 GOL F . 14.50 9.15 -8.24
O2 GOL F . 13.19 9.20 -7.70
C3 GOL F . 15.30 10.29 -7.58
O3 GOL F . 14.57 11.49 -7.43
C1 GOL G . 2.76 -1.99 10.31
O1 GOL G . 1.53 -2.13 10.89
C2 GOL G . 3.45 -3.34 10.27
O2 GOL G . 3.88 -3.87 11.55
C3 GOL G . 4.66 -3.06 9.38
O3 GOL G . 5.54 -2.20 10.08
C ACT H . 2.73 8.11 -9.01
O ACT H . 3.46 7.34 -9.69
OXT ACT H . 1.73 8.70 -9.50
CH3 ACT H . 3.10 8.33 -7.58
C ACT I . 3.40 -16.35 -9.72
O ACT I . 2.74 -17.30 -9.30
OXT ACT I . 4.32 -15.93 -8.99
CH3 ACT I . 3.13 -15.79 -11.08
C ACT J . -8.58 9.14 -17.34
O ACT J . -7.64 8.32 -17.42
OXT ACT J . -9.68 8.69 -16.91
CH3 ACT J . -8.39 10.58 -17.75
#